data_3NK4
#
_entry.id   3NK4
#
_cell.length_a   97.700
_cell.length_b   97.700
_cell.length_c   256.419
_cell.angle_alpha   90.00
_cell.angle_beta   90.00
_cell.angle_gamma   90.00
#
_symmetry.space_group_name_H-M   'P 41 21 2'
#
loop_
_entity.id
_entity.type
_entity.pdbx_description
1 polymer 'Zona pellucida 3'
2 polymer 'Zona pellucida 3'
3 non-polymer 2-acetamido-2-deoxy-alpha-D-galactopyranose
4 non-polymer 'CITRATE ANION'
5 water water
#
loop_
_entity_poly.entity_id
_entity_poly.type
_entity_poly.pdbx_seq_one_letter_code
_entity_poly.pdbx_strand_id
1 'polypeptide(L)'
;YTPVAVQCQEAQLVVTVHRDLFGTGRLINAADLTLGPAACKHSSLNAAHNTVTFAAGLHECGSVVQVTPDTLIYRTLINY
DPSPASNPVIIRTNPAVIPIECHYPRREQVSSNAIRPTWSPFNSALSAEERLVFSLRLMSDDWSTERPFTGFQLGDILNI
QAEVSTENHVPLRLFVDSCVAALSPDGDSSPHYAIIDFNGCLVDGRVDDTSSAFITPRPREDVLRFRIDVFRFAGDNRNL
IYITCHLKVTPADQGPDPQNKACSFNKARNTWVPVEGSRDVCNCCETGNCEPPALSR
;
A,B
2 'polypeptide(L)' AFAADAGKEVAADVVIGPVLLSADHHHHHH C,D
#
# COMPACT_ATOMS: atom_id res chain seq x y z
N TYR A 1 10.23 -7.76 26.91
CA TYR A 1 10.55 -7.94 25.51
C TYR A 1 10.53 -6.60 24.77
N THR A 2 11.62 -6.30 24.08
CA THR A 2 11.79 -5.03 23.39
C THR A 2 12.21 -5.27 21.94
N PRO A 3 11.26 -5.21 21.01
CA PRO A 3 11.60 -5.62 19.65
C PRO A 3 12.65 -4.69 19.04
N VAL A 4 12.55 -3.40 19.36
CA VAL A 4 13.53 -2.42 18.90
C VAL A 4 14.08 -1.62 20.10
N ALA A 5 15.38 -1.70 20.33
CA ALA A 5 15.99 -1.00 21.46
C ALA A 5 16.94 0.09 20.93
N VAL A 6 16.79 1.31 21.42
CA VAL A 6 17.53 2.47 20.91
C VAL A 6 18.38 3.06 22.04
N GLN A 7 19.70 3.13 21.84
CA GLN A 7 20.60 3.82 22.77
C GLN A 7 20.98 5.16 22.17
N CYS A 8 20.63 6.23 22.88
CA CYS A 8 20.90 7.57 22.42
C CYS A 8 22.19 8.01 23.12
N GLN A 9 23.31 7.80 22.46
CA GLN A 9 24.60 8.14 23.11
C GLN A 9 25.04 9.56 22.75
N GLU A 10 26.26 9.91 23.15
CA GLU A 10 26.69 11.29 23.11
C GLU A 10 26.63 11.85 21.70
N ALA A 11 27.16 11.12 20.74
CA ALA A 11 27.27 11.60 19.37
C ALA A 11 26.92 10.49 18.36
N GLN A 12 26.31 9.42 18.84
CA GLN A 12 25.80 8.36 17.97
C GLN A 12 24.52 7.75 18.55
N LEU A 13 23.84 6.98 17.73
CA LEU A 13 22.76 6.14 18.24
C LEU A 13 23.08 4.73 17.85
N VAL A 14 22.71 3.81 18.74
CA VAL A 14 22.90 2.39 18.48
C VAL A 14 21.50 1.77 18.57
N VAL A 15 21.09 1.08 17.53
CA VAL A 15 19.75 0.48 17.47
C VAL A 15 19.89 -1.02 17.34
N THR A 16 19.23 -1.75 18.23
CA THR A 16 19.29 -3.21 18.22
C THR A 16 17.89 -3.77 17.87
N VAL A 17 17.82 -4.62 16.85
CA VAL A 17 16.54 -5.15 16.35
C VAL A 17 16.49 -6.67 16.44
N HIS A 18 15.40 -7.20 16.97
CA HIS A 18 15.20 -8.65 16.96
C HIS A 18 14.74 -9.13 15.60
N ARG A 19 15.45 -10.12 15.05
CA ARG A 19 15.03 -10.64 13.75
C ARG A 19 13.66 -11.33 13.83
N ASP A 20 13.21 -11.74 15.02
CA ASP A 20 11.81 -12.21 15.15
C ASP A 20 10.93 -10.98 15.36
N LEU A 21 11.03 -10.05 14.42
CA LEU A 21 10.45 -8.72 14.55
C LEU A 21 8.90 -8.77 14.55
N PHE A 22 8.34 -9.65 13.73
CA PHE A 22 6.91 -9.65 13.52
C PHE A 22 6.21 -10.75 14.30
N GLY A 23 6.98 -11.58 14.98
CA GLY A 23 6.42 -12.76 15.64
C GLY A 23 5.53 -13.59 14.72
N THR A 24 6.03 -13.91 13.52
CA THR A 24 5.33 -14.79 12.61
C THR A 24 5.96 -16.19 12.66
N GLY A 25 6.82 -16.40 13.65
CA GLY A 25 7.65 -17.59 13.69
C GLY A 25 8.92 -17.32 12.90
N ARG A 26 8.75 -16.93 11.65
CA ARG A 26 9.87 -16.76 10.74
C ARG A 26 10.74 -15.57 11.13
N LEU A 27 12.04 -15.83 11.18
CA LEU A 27 13.01 -14.76 11.33
C LEU A 27 13.26 -14.09 9.97
N ILE A 28 13.35 -12.77 9.97
CA ILE A 28 13.71 -12.03 8.77
C ILE A 28 15.21 -12.11 8.52
N ASN A 29 15.64 -11.86 7.28
CA ASN A 29 17.06 -11.85 6.96
C ASN A 29 17.70 -10.56 7.44
N ALA A 30 18.85 -10.67 8.10
CA ALA A 30 19.56 -9.49 8.56
C ALA A 30 19.78 -8.48 7.44
N ALA A 31 20.14 -8.97 6.26
CA ALA A 31 20.41 -8.09 5.12
C ALA A 31 19.15 -7.31 4.66
N ASP A 32 17.97 -7.72 5.10
CA ASP A 32 16.73 -7.01 4.75
C ASP A 32 16.46 -5.78 5.61
N LEU A 33 17.23 -5.60 6.67
CA LEU A 33 17.08 -4.46 7.57
C LEU A 33 18.17 -3.42 7.32
N THR A 34 17.77 -2.16 7.20
CA THR A 34 18.73 -1.09 7.07
C THR A 34 18.31 0.09 7.94
N LEU A 35 19.23 1.03 8.14
CA LEU A 35 18.98 2.20 8.99
C LEU A 35 18.90 3.48 8.16
N GLY A 36 17.84 4.25 8.38
CA GLY A 36 17.71 5.57 7.79
C GLY A 36 17.32 5.59 6.32
N PRO A 37 16.93 6.76 5.81
CA PRO A 37 16.61 6.87 4.38
C PRO A 37 17.77 6.47 3.49
N ALA A 38 18.98 6.54 4.01
CA ALA A 38 20.17 6.18 3.23
C ALA A 38 20.34 4.67 3.15
N ALA A 39 19.51 3.94 3.87
CA ALA A 39 19.63 2.48 3.98
C ALA A 39 21.04 1.99 4.36
N CYS A 40 21.60 2.53 5.44
CA CYS A 40 22.87 2.03 5.98
C CYS A 40 22.79 0.58 6.46
N LYS A 41 23.84 -0.20 6.19
CA LYS A 41 23.88 -1.62 6.55
C LYS A 41 24.14 -1.81 8.03
N HIS A 42 23.80 -3.00 8.54
CA HIS A 42 23.99 -3.28 9.95
C HIS A 42 25.48 -3.27 10.32
N SER A 43 25.78 -2.93 11.56
CA SER A 43 27.15 -2.90 12.01
C SER A 43 27.56 -4.21 12.71
N SER A 44 26.59 -4.98 13.22
CA SER A 44 26.92 -6.29 13.78
C SER A 44 25.66 -7.15 13.90
N LEU A 45 25.84 -8.44 14.13
CA LEU A 45 24.69 -9.28 14.45
C LEU A 45 25.06 -10.23 15.57
N ASN A 46 24.04 -10.75 16.23
CA ASN A 46 24.27 -11.63 17.34
C ASN A 46 23.36 -12.86 17.26
N ALA A 47 23.96 -14.04 17.11
CA ALA A 47 23.16 -15.25 16.97
C ALA A 47 22.51 -15.68 18.27
N ALA A 48 22.99 -15.23 19.42
CA ALA A 48 22.47 -15.75 20.69
C ALA A 48 20.94 -15.64 20.78
N HIS A 49 20.43 -14.49 20.35
CA HIS A 49 18.98 -14.28 20.31
C HIS A 49 18.59 -13.68 18.96
N ASN A 50 19.44 -13.85 17.94
CA ASN A 50 19.08 -13.40 16.59
C ASN A 50 18.72 -11.94 16.52
N THR A 51 19.66 -11.08 16.94
CA THR A 51 19.49 -9.64 16.79
C THR A 51 20.44 -9.06 15.75
N VAL A 52 20.13 -7.85 15.32
CA VAL A 52 20.90 -7.13 14.32
C VAL A 52 21.11 -5.73 14.90
N THR A 53 22.32 -5.20 14.79
CA THR A 53 22.64 -3.90 15.40
C THR A 53 23.10 -2.89 14.40
N PHE A 54 22.62 -1.66 14.58
CA PHE A 54 23.01 -0.55 13.74
C PHE A 54 23.63 0.56 14.61
N ALA A 55 24.70 1.16 14.13
CA ALA A 55 25.36 2.21 14.92
C ALA A 55 25.68 3.31 13.93
N ALA A 56 25.23 4.52 14.20
CA ALA A 56 25.52 5.61 13.27
C ALA A 56 25.60 6.94 14.01
N GLY A 57 26.42 7.86 13.49
CA GLY A 57 26.49 9.18 14.06
C GLY A 57 25.10 9.79 13.99
N LEU A 58 24.82 10.75 14.85
CA LEU A 58 23.51 11.35 14.94
C LEU A 58 23.07 12.08 13.69
N HIS A 59 24.01 12.51 12.86
CA HIS A 59 23.68 13.23 11.62
C HIS A 59 23.83 12.34 10.39
N GLU A 60 24.17 11.07 10.57
CA GLU A 60 24.40 10.19 9.43
C GLU A 60 23.13 9.47 8.94
N CYS A 61 23.23 8.90 7.74
CA CYS A 61 22.21 7.98 7.22
C CYS A 61 20.87 8.66 6.98
N GLY A 62 20.89 9.97 6.77
CA GLY A 62 19.69 10.69 6.40
C GLY A 62 18.79 11.02 7.58
N SER A 63 19.33 11.02 8.80
CA SER A 63 18.49 11.41 9.93
C SER A 63 18.09 12.89 9.79
N VAL A 64 17.09 13.27 10.57
CA VAL A 64 16.56 14.61 10.55
C VAL A 64 16.57 15.19 11.97
N VAL A 65 17.05 16.42 12.12
CA VAL A 65 17.09 17.02 13.44
C VAL A 65 16.05 18.12 13.52
N GLN A 66 15.40 18.20 14.66
CA GLN A 66 14.54 19.32 15.03
C GLN A 66 15.18 20.04 16.23
N VAL A 67 15.33 21.36 16.15
CA VAL A 67 15.87 22.15 17.26
C VAL A 67 14.73 22.89 17.93
N THR A 68 14.34 22.48 19.13
CA THR A 68 13.31 23.18 19.87
C THR A 68 14.03 24.07 20.89
N PRO A 69 13.27 24.89 21.64
CA PRO A 69 13.94 25.83 22.54
C PRO A 69 14.90 25.14 23.50
N ASP A 70 14.49 24.00 24.05
CA ASP A 70 15.29 23.33 25.07
C ASP A 70 15.76 21.91 24.69
N THR A 71 15.39 21.42 23.51
CA THR A 71 15.81 20.07 23.11
C THR A 71 16.23 19.95 21.64
N LEU A 72 17.09 18.97 21.39
CA LEU A 72 17.43 18.53 20.06
C LEU A 72 16.79 17.15 19.86
N ILE A 73 16.05 16.98 18.79
CA ILE A 73 15.41 15.70 18.49
C ILE A 73 15.92 15.19 17.16
N TYR A 74 16.49 14.00 17.15
CA TYR A 74 16.97 13.36 15.95
C TYR A 74 16.01 12.22 15.60
N ARG A 75 15.54 12.19 14.36
CA ARG A 75 14.52 11.21 13.94
C ARG A 75 15.04 10.46 12.75
N THR A 76 14.95 9.14 12.82
CA THR A 76 15.30 8.33 11.67
C THR A 76 14.35 7.12 11.66
N LEU A 77 14.76 6.04 11.02
CA LEU A 77 13.93 4.84 11.00
C LEU A 77 14.71 3.59 10.64
N ILE A 78 14.09 2.45 10.91
CA ILE A 78 14.62 1.15 10.52
C ILE A 78 13.72 0.68 9.38
N ASN A 79 14.33 0.37 8.23
CA ASN A 79 13.64 -0.17 7.07
C ASN A 79 13.66 -1.68 7.07
N TYR A 80 12.52 -2.30 6.80
CA TYR A 80 12.45 -3.73 6.51
C TYR A 80 12.01 -3.85 5.06
N ASP A 81 12.90 -4.36 4.22
CA ASP A 81 12.62 -4.51 2.81
C ASP A 81 12.88 -5.97 2.44
N PRO A 82 11.83 -6.82 2.48
CA PRO A 82 11.92 -8.23 2.12
C PRO A 82 12.58 -8.37 0.74
N SER A 83 13.43 -9.35 0.53
CA SER A 83 13.94 -9.60 -0.82
C SER A 83 12.80 -10.01 -1.75
N PRO A 84 12.88 -9.65 -3.04
CA PRO A 84 11.85 -10.07 -4.02
C PRO A 84 11.66 -11.58 -4.06
N ALA A 85 10.47 -12.01 -4.47
CA ALA A 85 10.17 -13.42 -4.62
C ALA A 85 10.96 -13.95 -5.80
N SER A 86 11.32 -15.24 -5.76
CA SER A 86 11.97 -15.90 -6.88
C SER A 86 11.34 -15.51 -8.20
N ASN A 87 10.01 -15.61 -8.30
CA ASN A 87 9.31 -15.02 -9.44
C ASN A 87 8.86 -13.60 -9.07
N PRO A 88 9.49 -12.57 -9.64
CA PRO A 88 9.23 -11.18 -9.27
C PRO A 88 7.83 -10.62 -9.56
N VAL A 89 6.99 -11.34 -10.30
CA VAL A 89 5.65 -10.81 -10.59
C VAL A 89 4.78 -10.80 -9.36
N ILE A 90 5.13 -11.59 -8.34
CA ILE A 90 4.35 -11.61 -7.10
C ILE A 90 5.10 -11.04 -5.90
N ILE A 91 4.34 -10.67 -4.87
CA ILE A 91 4.86 -10.13 -3.62
C ILE A 91 4.19 -10.91 -2.50
N ARG A 92 5.00 -11.49 -1.60
CA ARG A 92 4.47 -12.23 -0.45
C ARG A 92 4.53 -11.44 0.85
N THR A 93 5.35 -10.39 0.85
CA THR A 93 5.63 -9.66 2.08
C THR A 93 5.81 -8.17 1.80
N ASN A 94 5.07 -7.35 2.52
CA ASN A 94 5.18 -5.90 2.40
C ASN A 94 6.42 -5.37 3.14
N PRO A 95 7.05 -4.31 2.61
CA PRO A 95 8.09 -3.60 3.36
C PRO A 95 7.47 -2.96 4.59
N ALA A 96 8.27 -2.64 5.62
CA ALA A 96 7.78 -1.94 6.81
C ALA A 96 8.82 -0.88 7.22
N VAL A 97 8.41 0.04 8.08
CA VAL A 97 9.29 1.10 8.52
C VAL A 97 9.01 1.31 9.98
N ILE A 98 10.08 1.43 10.77
CA ILE A 98 9.93 1.60 12.21
C ILE A 98 10.60 2.94 12.61
N PRO A 99 9.83 3.89 13.11
CA PRO A 99 10.39 5.22 13.42
C PRO A 99 11.31 5.13 14.63
N ILE A 100 12.42 5.87 14.60
CA ILE A 100 13.41 5.87 15.67
C ILE A 100 13.62 7.35 16.04
N GLU A 101 13.72 7.65 17.33
CA GLU A 101 13.85 9.03 17.83
C GLU A 101 14.88 9.11 18.98
N CYS A 102 15.66 10.20 19.01
CA CYS A 102 16.56 10.48 20.14
C CYS A 102 16.43 11.92 20.58
N HIS A 103 16.22 12.12 21.88
CA HIS A 103 16.04 13.44 22.48
C HIS A 103 17.28 13.83 23.31
N TYR A 104 17.70 15.09 23.20
CA TYR A 104 18.83 15.58 23.99
C TYR A 104 18.56 16.96 24.54
N PRO A 105 18.93 17.19 25.81
CA PRO A 105 18.83 18.57 26.34
C PRO A 105 19.74 19.47 25.52
N ARG A 106 19.31 20.68 25.25
CA ARG A 106 20.14 21.62 24.50
C ARG A 106 21.26 22.24 25.37
N PRO A 117 23.26 44.22 23.63
CA PRO A 117 23.58 44.64 22.27
C PRO A 117 22.97 43.67 21.26
N THR A 118 21.89 44.07 20.60
CA THR A 118 21.22 43.19 19.64
C THR A 118 21.87 43.30 18.26
N TRP A 119 21.61 42.31 17.42
CA TRP A 119 22.28 42.20 16.12
C TRP A 119 21.29 42.07 14.96
N SER A 120 21.82 41.99 13.75
CA SER A 120 21.00 41.89 12.55
C SER A 120 21.66 40.97 11.51
N PRO A 121 20.94 39.93 11.08
CA PRO A 121 21.41 38.95 10.08
C PRO A 121 21.74 39.58 8.72
N PHE A 122 21.20 40.77 8.49
CA PHE A 122 21.44 41.50 7.26
C PHE A 122 22.71 42.36 7.31
N ASN A 123 23.66 42.00 8.18
CA ASN A 123 24.95 42.71 8.28
C ASN A 123 26.15 41.78 8.10
N GLU A 130 24.97 34.60 17.36
CA GLU A 130 24.43 35.51 16.34
C GLU A 130 24.04 34.70 15.11
N ARG A 131 23.23 33.67 15.35
CA ARG A 131 22.82 32.77 14.30
C ARG A 131 21.32 32.48 14.43
N LEU A 132 20.60 32.64 13.33
CA LEU A 132 19.19 32.33 13.34
C LEU A 132 19.00 30.82 13.36
N VAL A 133 18.02 30.36 14.14
CA VAL A 133 17.63 28.96 14.12
C VAL A 133 16.23 28.82 13.51
N PHE A 134 16.14 28.22 12.33
CA PHE A 134 14.86 27.98 11.68
C PHE A 134 14.28 26.61 12.07
N SER A 135 12.96 26.49 12.06
CA SER A 135 12.35 25.22 12.43
C SER A 135 10.96 25.05 11.83
N LEU A 136 10.61 23.79 11.56
CA LEU A 136 9.27 23.41 11.13
C LEU A 136 8.69 22.44 12.15
N ARG A 137 7.46 22.68 12.58
CA ARG A 137 6.80 21.81 13.53
C ARG A 137 5.46 21.31 12.99
N LEU A 138 5.16 20.07 13.29
CA LEU A 138 3.89 19.46 12.92
C LEU A 138 2.95 19.61 14.11
N MET A 139 1.85 20.33 13.90
CA MET A 139 1.01 20.77 15.00
C MET A 139 -0.34 20.06 15.00
N SER A 140 -0.95 20.00 16.17
CA SER A 140 -2.32 19.53 16.29
C SER A 140 -3.27 20.49 15.58
N ASP A 141 -4.47 20.00 15.26
CA ASP A 141 -5.48 20.76 14.49
C ASP A 141 -5.76 22.13 15.04
N ASP A 142 -5.81 22.21 16.37
CA ASP A 142 -6.12 23.48 17.04
C ASP A 142 -4.87 24.31 17.29
N TRP A 143 -3.73 23.85 16.77
CA TRP A 143 -2.41 24.53 16.91
C TRP A 143 -1.94 24.74 18.35
N SER A 144 -2.54 24.04 19.31
CA SER A 144 -2.13 24.23 20.70
C SER A 144 -0.80 23.56 20.98
N THR A 145 -0.59 22.35 20.47
CA THR A 145 0.65 21.64 20.74
C THR A 145 1.14 20.88 19.52
N GLU A 146 2.30 20.26 19.68
CA GLU A 146 2.92 19.50 18.62
C GLU A 146 2.31 18.09 18.63
N ARG A 147 2.25 17.43 17.48
CA ARG A 147 1.64 16.10 17.41
C ARG A 147 2.58 15.06 16.83
N PRO A 148 2.28 13.77 17.04
CA PRO A 148 3.06 12.64 16.51
C PRO A 148 3.16 12.65 14.99
N PHE A 149 4.25 12.09 14.46
CA PHE A 149 4.50 12.02 13.03
C PHE A 149 3.84 10.76 12.44
N THR A 150 3.14 10.01 13.29
CA THR A 150 2.48 8.76 12.86
C THR A 150 0.97 8.90 12.85
N GLY A 151 0.30 7.94 12.23
CA GLY A 151 -1.16 7.89 12.27
C GLY A 151 -1.87 8.81 11.31
N PHE A 152 -1.23 9.14 10.18
CA PHE A 152 -1.85 9.96 9.17
C PHE A 152 -2.55 9.09 8.12
N GLN A 153 -3.71 9.53 7.66
CA GLN A 153 -4.46 8.81 6.64
C GLN A 153 -4.72 9.83 5.54
N LEU A 154 -4.79 9.42 4.27
CA LEU A 154 -5.41 10.27 3.25
C LEU A 154 -6.76 10.81 3.79
N GLY A 155 -7.09 12.05 3.49
CA GLY A 155 -8.18 12.69 4.19
C GLY A 155 -7.68 13.62 5.32
N ASP A 156 -6.54 13.32 5.94
CA ASP A 156 -6.08 14.10 7.09
C ASP A 156 -5.41 15.37 6.59
N ILE A 157 -5.11 16.29 7.50
CA ILE A 157 -4.47 17.55 7.14
C ILE A 157 -3.21 17.74 7.97
N LEU A 158 -2.11 18.07 7.30
CA LEU A 158 -0.87 18.44 8.00
C LEU A 158 -0.92 19.91 8.36
N ASN A 159 -0.85 20.21 9.64
CA ASN A 159 -0.68 21.58 10.12
C ASN A 159 0.79 21.87 10.37
N ILE A 160 1.40 22.64 9.49
CA ILE A 160 2.82 22.91 9.58
C ILE A 160 3.04 24.34 10.07
N GLN A 161 3.90 24.46 11.07
CA GLN A 161 4.25 25.77 11.63
C GLN A 161 5.73 26.01 11.37
N ALA A 162 6.02 27.03 10.57
CA ALA A 162 7.38 27.46 10.34
C ALA A 162 7.69 28.56 11.34
N GLU A 163 8.90 28.56 11.91
CA GLU A 163 9.30 29.68 12.76
C GLU A 163 10.80 29.91 12.77
N VAL A 164 11.19 31.07 13.31
CA VAL A 164 12.59 31.41 13.41
C VAL A 164 12.83 31.97 14.81
N SER A 165 13.86 31.45 15.48
CA SER A 165 14.24 31.88 16.82
C SER A 165 14.17 33.40 16.94
N THR A 166 13.82 33.90 18.13
CA THR A 166 13.52 35.33 18.29
C THR A 166 14.47 36.03 19.28
N GLU A 167 15.45 35.31 19.81
CA GLU A 167 16.32 35.86 20.86
C GLU A 167 17.18 37.03 20.39
N ASN A 168 17.07 38.13 21.13
CA ASN A 168 17.89 39.33 20.96
C ASN A 168 18.36 39.69 19.56
N HIS A 169 17.42 39.90 18.64
CA HIS A 169 17.76 40.47 17.35
C HIS A 169 16.61 41.33 16.85
N VAL A 170 16.84 42.02 15.74
CA VAL A 170 15.82 42.91 15.18
C VAL A 170 14.60 42.11 14.73
N PRO A 171 13.43 42.75 14.73
CA PRO A 171 12.21 42.02 14.35
C PRO A 171 12.27 41.54 12.89
N LEU A 172 11.81 40.30 12.65
CA LEU A 172 11.89 39.71 11.33
C LEU A 172 10.51 39.23 10.89
N ARG A 173 10.27 39.23 9.59
CA ARG A 173 9.13 38.53 9.02
C ARG A 173 9.64 37.28 8.32
N LEU A 174 8.95 36.14 8.53
CA LEU A 174 9.38 34.86 8.00
C LEU A 174 8.57 34.45 6.76
N PHE A 175 9.27 34.00 5.72
CA PHE A 175 8.61 33.44 4.55
C PHE A 175 9.10 32.03 4.29
N VAL A 176 8.31 31.26 3.55
CA VAL A 176 8.69 29.94 3.06
C VAL A 176 8.73 30.03 1.55
N ASP A 177 9.93 30.01 0.96
CA ASP A 177 10.08 30.14 -0.48
C ASP A 177 9.60 28.92 -1.23
N SER A 178 9.86 27.74 -0.66
CA SER A 178 9.45 26.47 -1.28
C SER A 178 9.41 25.36 -0.26
N CYS A 179 8.54 24.38 -0.50
CA CYS A 179 8.52 23.12 0.23
C CYS A 179 8.38 22.02 -0.81
N VAL A 180 9.17 20.97 -0.68
CA VAL A 180 9.12 19.86 -1.61
C VAL A 180 8.99 18.59 -0.79
N ALA A 181 8.01 17.77 -1.15
CA ALA A 181 7.81 16.46 -0.56
C ALA A 181 8.59 15.43 -1.35
N ALA A 182 9.09 14.40 -0.67
CA ALA A 182 9.83 13.34 -1.35
C ALA A 182 9.87 12.14 -0.42
N LEU A 183 10.57 11.08 -0.85
CA LEU A 183 10.68 9.88 -0.03
C LEU A 183 11.91 9.88 0.86
N SER A 184 12.73 10.92 0.76
CA SER A 184 13.91 11.07 1.62
C SER A 184 14.17 12.57 1.86
N PRO A 185 15.06 12.89 2.80
CA PRO A 185 15.41 14.30 3.09
C PRO A 185 15.94 15.07 1.87
N ASP A 186 16.42 14.36 0.86
CA ASP A 186 16.80 15.00 -0.40
C ASP A 186 15.57 15.26 -1.28
N GLY A 187 15.14 16.51 -1.36
CA GLY A 187 13.99 16.88 -2.17
C GLY A 187 14.26 16.86 -3.67
N ASP A 188 15.51 16.66 -4.06
CA ASP A 188 15.85 16.57 -5.48
C ASP A 188 15.71 15.15 -6.02
N SER A 189 15.46 14.20 -5.12
CA SER A 189 15.32 12.81 -5.52
C SER A 189 13.94 12.59 -6.15
N SER A 190 13.81 11.51 -6.92
CA SER A 190 12.54 11.14 -7.52
C SER A 190 11.97 9.94 -6.78
N PRO A 191 10.68 9.98 -6.46
CA PRO A 191 9.75 11.04 -6.83
C PRO A 191 9.76 12.20 -5.85
N HIS A 192 9.28 13.36 -6.27
CA HIS A 192 9.11 14.50 -5.36
C HIS A 192 7.96 15.33 -5.86
N TYR A 193 7.48 16.23 -5.01
CA TYR A 193 6.33 17.01 -5.37
C TYR A 193 6.37 18.38 -4.68
N ALA A 194 6.32 19.46 -5.45
CA ALA A 194 6.43 20.80 -4.86
C ALA A 194 5.10 21.21 -4.28
N ILE A 195 5.08 21.45 -2.98
CA ILE A 195 3.90 21.93 -2.30
C ILE A 195 3.84 23.46 -2.33
N ILE A 196 5.00 24.10 -2.13
CA ILE A 196 5.13 25.55 -2.24
C ILE A 196 6.25 25.81 -3.23
N ASP A 197 6.04 26.77 -4.12
CA ASP A 197 6.98 27.02 -5.18
C ASP A 197 6.93 28.50 -5.59
N PHE A 198 7.85 28.89 -6.46
CA PHE A 198 7.85 30.24 -6.99
C PHE A 198 7.85 31.27 -5.85
N ASN A 199 8.75 31.11 -4.89
CA ASN A 199 8.91 32.08 -3.82
C ASN A 199 7.64 32.34 -3.02
N GLY A 200 7.08 31.29 -2.43
CA GLY A 200 5.97 31.43 -1.50
C GLY A 200 4.57 31.23 -2.04
N CYS A 201 4.44 30.69 -3.26
CA CYS A 201 3.13 30.35 -3.80
C CYS A 201 2.75 28.93 -3.36
N LEU A 202 1.69 28.79 -2.58
CA LEU A 202 1.28 27.46 -2.12
C LEU A 202 0.50 26.78 -3.25
N VAL A 203 1.25 26.27 -4.23
CA VAL A 203 0.68 25.74 -5.47
C VAL A 203 -0.16 24.48 -5.23
N ASP A 204 0.05 23.78 -4.12
CA ASP A 204 -0.77 22.61 -3.86
C ASP A 204 -2.25 22.99 -3.74
N GLY A 205 -2.53 24.22 -3.34
CA GLY A 205 -3.91 24.66 -3.17
C GLY A 205 -4.58 25.08 -4.47
N ARG A 206 -3.81 25.14 -5.56
CA ARG A 206 -4.32 25.61 -6.83
C ARG A 206 -5.13 24.54 -7.57
N VAL A 207 -4.91 23.27 -7.23
CA VAL A 207 -5.35 22.17 -8.09
C VAL A 207 -6.27 21.14 -7.39
N ASP A 208 -6.95 20.32 -8.20
CA ASP A 208 -7.76 19.23 -7.66
C ASP A 208 -8.75 19.73 -6.59
N ASP A 209 -8.95 19.00 -5.51
CA ASP A 209 -9.91 19.45 -4.50
C ASP A 209 -9.29 19.75 -3.16
N THR A 210 -8.00 20.13 -3.14
CA THR A 210 -7.30 20.38 -1.88
C THR A 210 -7.80 21.66 -1.23
N SER A 211 -7.60 21.78 0.08
CA SER A 211 -7.89 23.03 0.78
C SER A 211 -6.60 23.64 1.36
N SER A 212 -5.46 23.23 0.81
CA SER A 212 -4.15 23.67 1.30
C SER A 212 -3.99 25.18 1.21
N ALA A 213 -3.60 25.80 2.31
CA ALA A 213 -3.45 27.26 2.34
C ALA A 213 -2.61 27.70 3.53
N PHE A 214 -2.02 28.89 3.41
CA PHE A 214 -1.39 29.54 4.54
C PHE A 214 -2.49 30.05 5.44
N ILE A 215 -2.25 30.10 6.74
CA ILE A 215 -3.23 30.62 7.68
C ILE A 215 -3.03 32.11 7.85
N THR A 216 -4.14 32.84 8.02
CA THR A 216 -4.11 34.26 8.33
C THR A 216 -5.08 34.51 9.49
N PRO A 217 -4.71 35.43 10.38
CA PRO A 217 -3.40 36.11 10.38
C PRO A 217 -2.32 35.28 11.06
N ARG A 218 -1.07 35.71 10.91
CA ARG A 218 0.05 35.08 11.61
C ARG A 218 -0.09 35.31 13.11
N PRO A 219 0.45 34.40 13.93
CA PRO A 219 0.52 34.65 15.38
C PRO A 219 1.55 35.75 15.68
N ARG A 220 2.65 35.75 14.95
CA ARG A 220 3.71 36.77 15.03
C ARG A 220 4.27 36.90 13.62
N GLU A 221 4.93 38.00 13.32
CA GLU A 221 5.50 38.16 11.99
C GLU A 221 6.61 37.15 11.73
N ASP A 222 7.22 36.62 12.78
CA ASP A 222 8.29 35.64 12.59
C ASP A 222 7.79 34.19 12.69
N VAL A 223 6.48 34.00 12.52
CA VAL A 223 5.89 32.66 12.43
C VAL A 223 4.97 32.60 11.22
N LEU A 224 4.95 31.45 10.53
CA LEU A 224 4.10 31.28 9.36
C LEU A 224 3.50 29.90 9.44
N ARG A 225 2.18 29.83 9.46
CA ARG A 225 1.47 28.54 9.53
C ARG A 225 0.82 28.23 8.20
N PHE A 226 0.78 26.95 7.84
CA PHE A 226 0.03 26.51 6.67
C PHE A 226 -0.47 25.07 6.80
N ARG A 227 -1.51 24.76 6.02
CA ARG A 227 -2.18 23.48 6.06
C ARG A 227 -2.08 22.80 4.70
N ILE A 228 -1.64 21.55 4.70
CA ILE A 228 -1.50 20.76 3.50
C ILE A 228 -2.35 19.48 3.63
N ASP A 229 -3.24 19.23 2.68
CA ASP A 229 -3.94 17.93 2.65
C ASP A 229 -2.93 16.79 2.48
N VAL A 230 -3.04 15.75 3.29
CA VAL A 230 -2.09 14.65 3.20
C VAL A 230 -2.20 13.97 1.83
N PHE A 231 -1.08 13.47 1.31
CA PHE A 231 -1.10 12.70 0.08
C PHE A 231 0.00 11.67 0.23
N ARG A 232 0.09 10.74 -0.73
CA ARG A 232 1.15 9.75 -0.70
C ARG A 232 1.73 9.62 -2.09
N PHE A 233 2.91 9.04 -2.22
CA PHE A 233 3.52 8.89 -3.53
C PHE A 233 3.09 7.57 -4.16
N ALA A 234 2.73 7.63 -5.44
CA ALA A 234 2.39 6.44 -6.20
C ALA A 234 3.55 5.48 -6.18
N GLY A 235 3.28 4.20 -5.99
CA GLY A 235 4.33 3.19 -6.07
C GLY A 235 5.16 3.03 -4.81
N ASP A 236 4.93 3.90 -3.83
CA ASP A 236 5.67 3.84 -2.56
C ASP A 236 5.00 2.89 -1.57
N ASN A 237 5.61 1.76 -1.26
CA ASN A 237 5.02 0.84 -0.31
C ASN A 237 5.49 1.00 1.14
N ARG A 238 6.34 1.98 1.37
CA ARG A 238 6.77 2.33 2.72
C ARG A 238 5.83 3.33 3.39
N ASN A 239 5.12 4.15 2.61
CA ASN A 239 4.08 4.97 3.19
C ASN A 239 4.70 6.01 4.11
N LEU A 240 5.58 6.82 3.57
CA LEU A 240 6.09 7.94 4.33
C LEU A 240 6.36 9.12 3.43
N ILE A 241 6.55 10.29 4.01
CA ILE A 241 7.03 11.41 3.24
C ILE A 241 7.97 12.23 4.11
N TYR A 242 8.90 12.88 3.44
CA TYR A 242 9.71 13.93 4.08
C TYR A 242 9.38 15.22 3.35
N ILE A 243 9.31 16.32 4.10
CA ILE A 243 9.07 17.62 3.49
C ILE A 243 10.27 18.49 3.80
N THR A 244 10.92 19.02 2.77
CA THR A 244 12.04 19.94 2.99
C THR A 244 11.67 21.34 2.46
N CYS A 245 11.83 22.36 3.32
CA CYS A 245 11.38 23.72 3.00
C CYS A 245 12.57 24.69 3.03
N HIS A 246 12.52 25.71 2.19
CA HIS A 246 13.53 26.76 2.20
C HIS A 246 12.89 27.97 2.88
N LEU A 247 13.31 28.24 4.11
CA LEU A 247 12.80 29.38 4.87
C LEU A 247 13.74 30.58 4.74
N LYS A 248 13.20 31.80 4.77
CA LYS A 248 14.03 32.99 4.74
C LYS A 248 13.35 34.12 5.49
N VAL A 249 14.11 35.13 5.88
CA VAL A 249 13.56 36.26 6.59
C VAL A 249 13.88 37.59 5.91
N THR A 250 13.01 38.56 6.15
CA THR A 250 13.28 39.94 5.78
C THR A 250 13.09 40.78 7.03
N PRO A 251 13.48 42.06 6.98
CA PRO A 251 13.15 42.96 8.09
C PRO A 251 11.63 42.99 8.26
N ALA A 252 11.15 43.05 9.49
CA ALA A 252 9.74 42.89 9.78
C ALA A 252 8.79 43.80 8.99
N ASP A 253 9.08 45.08 8.90
CA ASP A 253 8.06 45.96 8.35
C ASP A 253 8.22 46.19 6.89
N GLN A 254 9.12 45.45 6.25
CA GLN A 254 9.35 45.58 4.82
C GLN A 254 8.14 45.14 4.02
N GLY A 255 7.84 45.82 2.91
CA GLY A 255 6.67 45.45 2.12
C GLY A 255 6.89 44.13 1.39
N PRO A 256 5.90 43.23 1.42
CA PRO A 256 6.01 42.03 0.58
C PRO A 256 6.07 42.41 -0.90
N ASP A 257 6.78 41.63 -1.69
CA ASP A 257 6.86 41.82 -3.14
C ASP A 257 6.86 40.44 -3.79
N PRO A 258 6.88 40.38 -5.14
CA PRO A 258 6.77 39.08 -5.83
C PRO A 258 7.86 38.07 -5.50
N GLN A 259 8.92 38.49 -4.82
CA GLN A 259 10.00 37.57 -4.48
C GLN A 259 9.92 37.19 -3.00
N ASN A 260 9.15 37.95 -2.22
CA ASN A 260 9.03 37.74 -0.79
C ASN A 260 7.57 37.86 -0.38
N LYS A 261 6.90 36.72 -0.24
CA LYS A 261 5.46 36.70 -0.03
C LYS A 261 4.99 35.31 0.42
N ALA A 262 3.77 35.25 0.94
CA ALA A 262 3.12 33.98 1.19
C ALA A 262 1.69 34.07 0.62
N CYS A 263 1.45 33.36 -0.49
CA CYS A 263 0.20 33.43 -1.23
C CYS A 263 -0.48 32.08 -1.27
N SER A 264 -1.80 32.08 -1.10
CA SER A 264 -2.62 30.87 -1.18
C SER A 264 -3.60 31.04 -2.33
N PHE A 265 -4.02 29.92 -2.93
CA PHE A 265 -5.10 29.99 -3.89
C PHE A 265 -6.40 29.68 -3.17
N ASN A 266 -7.33 30.59 -3.27
CA ASN A 266 -8.61 30.44 -2.60
C ASN A 266 -9.61 29.94 -3.67
N LYS A 267 -9.98 28.66 -3.63
CA LYS A 267 -10.84 28.07 -4.67
C LYS A 267 -12.21 28.70 -4.73
N ALA A 268 -12.76 29.02 -3.55
CA ALA A 268 -14.09 29.63 -3.47
C ALA A 268 -14.15 30.97 -4.19
N ARG A 269 -13.07 31.74 -4.09
CA ARG A 269 -13.04 33.07 -4.71
C ARG A 269 -12.29 33.03 -6.04
N ASN A 270 -11.64 31.90 -6.32
CA ASN A 270 -10.90 31.72 -7.57
C ASN A 270 -9.78 32.74 -7.78
N THR A 271 -9.07 33.08 -6.71
CA THR A 271 -7.97 34.04 -6.77
C THR A 271 -6.85 33.70 -5.79
N TRP A 272 -5.67 34.24 -6.04
CA TRP A 272 -4.57 34.15 -5.10
C TRP A 272 -4.72 35.22 -4.01
N VAL A 273 -4.31 34.90 -2.80
CA VAL A 273 -4.52 35.77 -1.66
C VAL A 273 -3.26 35.76 -0.81
N PRO A 274 -2.61 36.92 -0.63
CA PRO A 274 -1.43 36.96 0.24
C PRO A 274 -1.79 36.96 1.71
N VAL A 275 -0.93 36.39 2.55
CA VAL A 275 -1.06 36.51 4.00
C VAL A 275 -0.99 38.01 4.40
N GLU A 276 -0.09 38.76 3.79
CA GLU A 276 -0.10 40.24 3.90
C GLU A 276 0.45 40.86 2.61
N GLY A 277 0.19 42.15 2.41
CA GLY A 277 0.65 42.85 1.22
C GLY A 277 -0.46 43.04 0.21
N SER A 278 -0.14 43.70 -0.90
CA SER A 278 -1.15 44.04 -1.89
C SER A 278 -1.53 42.81 -2.68
N ARG A 279 -2.81 42.74 -3.07
CA ARG A 279 -3.36 41.58 -3.73
C ARG A 279 -2.51 41.17 -4.94
N ASP A 280 -1.97 42.17 -5.63
CA ASP A 280 -1.34 41.91 -6.92
C ASP A 280 0.08 41.37 -6.81
N VAL A 281 0.62 41.27 -5.60
CA VAL A 281 1.90 40.61 -5.41
C VAL A 281 1.85 39.11 -5.74
N CYS A 282 0.64 38.55 -5.77
CA CYS A 282 0.45 37.12 -6.06
C CYS A 282 0.24 36.80 -7.54
N ASN A 283 0.15 37.83 -8.39
CA ASN A 283 -0.14 37.65 -9.81
C ASN A 283 0.78 36.64 -10.49
N CYS A 284 2.05 36.68 -10.15
CA CYS A 284 3.03 35.82 -10.78
C CYS A 284 2.82 34.33 -10.42
N CYS A 285 2.10 34.06 -9.33
CA CYS A 285 1.77 32.69 -8.95
C CYS A 285 1.00 31.94 -10.04
N GLU A 286 0.07 32.62 -10.71
CA GLU A 286 -0.74 31.96 -11.74
C GLU A 286 0.07 31.67 -12.99
N THR A 287 1.05 32.53 -13.28
CA THR A 287 1.84 32.40 -14.49
C THR A 287 2.93 31.35 -14.32
N GLY A 288 3.30 31.08 -13.07
CA GLY A 288 4.30 30.07 -12.76
C GLY A 288 5.74 30.54 -12.78
N ASN A 289 5.95 31.84 -12.59
CA ASN A 289 7.29 32.42 -12.63
C ASN A 289 7.35 33.73 -11.83
N CYS A 290 7.97 33.69 -10.65
CA CYS A 290 8.08 34.87 -9.80
C CYS A 290 9.52 35.37 -9.72
N GLU A 291 10.34 34.90 -10.66
CA GLU A 291 11.75 35.26 -10.76
C GLU A 291 11.92 36.66 -11.36
N PRO A 292 12.83 37.46 -10.79
CA PRO A 292 12.95 38.84 -11.27
C PRO A 292 13.72 38.92 -12.59
N PRO A 293 13.82 40.12 -13.16
CA PRO A 293 14.67 40.34 -14.35
C PRO A 293 16.15 40.45 -13.98
N THR B 2 -26.22 1.51 2.62
CA THR B 2 -24.96 1.40 1.92
C THR B 2 -24.97 2.21 0.65
N PRO B 3 -23.81 2.31 0.01
CA PRO B 3 -23.73 3.06 -1.23
C PRO B 3 -23.81 2.20 -2.48
N VAL B 4 -24.04 0.91 -2.33
CA VAL B 4 -24.10 0.00 -3.47
C VAL B 4 -25.28 -0.95 -3.37
N ALA B 5 -26.15 -0.91 -4.36
CA ALA B 5 -27.35 -1.73 -4.40
C ALA B 5 -27.25 -2.76 -5.55
N VAL B 6 -27.51 -4.03 -5.25
CA VAL B 6 -27.36 -5.11 -6.23
C VAL B 6 -28.73 -5.80 -6.44
N GLN B 7 -29.18 -5.84 -7.68
CA GLN B 7 -30.42 -6.55 -8.04
C GLN B 7 -30.02 -7.84 -8.75
N CYS B 8 -30.40 -8.97 -8.16
CA CYS B 8 -30.06 -10.26 -8.74
C CYS B 8 -31.30 -10.68 -9.53
N GLN B 9 -31.28 -10.44 -10.83
CA GLN B 9 -32.44 -10.77 -11.65
C GLN B 9 -32.27 -12.14 -12.30
N GLU B 10 -33.23 -12.53 -13.15
CA GLU B 10 -33.29 -13.90 -13.67
C GLU B 10 -31.99 -14.31 -14.33
N ALA B 11 -31.49 -13.47 -15.21
CA ALA B 11 -30.30 -13.79 -15.98
C ALA B 11 -29.33 -12.63 -16.13
N GLN B 12 -29.48 -11.65 -15.26
CA GLN B 12 -28.54 -10.53 -15.21
C GLN B 12 -28.45 -10.01 -13.78
N LEU B 13 -27.41 -9.24 -13.53
CA LEU B 13 -27.39 -8.48 -12.32
C LEU B 13 -27.28 -7.00 -12.65
N VAL B 14 -27.94 -6.19 -11.83
CA VAL B 14 -27.93 -4.77 -12.06
C VAL B 14 -27.35 -4.15 -10.77
N VAL B 15 -26.24 -3.43 -10.88
CA VAL B 15 -25.57 -2.83 -9.71
C VAL B 15 -25.64 -1.31 -9.81
N THR B 16 -26.22 -0.67 -8.80
CA THR B 16 -26.34 0.79 -8.75
C THR B 16 -25.38 1.34 -7.68
N VAL B 17 -24.51 2.25 -8.07
CA VAL B 17 -23.47 2.79 -7.16
C VAL B 17 -23.64 4.29 -7.00
N HIS B 18 -23.66 4.78 -5.75
CA HIS B 18 -23.62 6.22 -5.49
C HIS B 18 -22.23 6.79 -5.72
N ARG B 19 -22.15 7.85 -6.50
CA ARG B 19 -20.88 8.52 -6.76
C ARG B 19 -20.31 9.14 -5.46
N ASP B 20 -21.17 9.43 -4.48
CA ASP B 20 -20.70 9.79 -3.13
C ASP B 20 -20.33 8.52 -2.41
N LEU B 21 -19.35 7.82 -2.96
CA LEU B 21 -19.10 6.44 -2.58
C LEU B 21 -18.56 6.29 -1.15
N PHE B 22 -17.99 7.32 -0.54
CA PHE B 22 -17.37 7.09 0.76
C PHE B 22 -18.09 7.85 1.86
N GLY B 23 -19.30 8.33 1.53
CA GLY B 23 -20.05 9.14 2.48
C GLY B 23 -19.38 10.42 2.96
N THR B 24 -18.49 11.00 2.15
CA THR B 24 -17.83 12.29 2.48
C THR B 24 -18.52 13.47 1.80
N GLY B 25 -19.38 13.17 0.83
CA GLY B 25 -20.02 14.20 0.04
C GLY B 25 -19.24 14.56 -1.22
N ARG B 26 -17.98 14.15 -1.27
CA ARG B 26 -17.18 14.32 -2.49
C ARG B 26 -17.51 13.25 -3.55
N LEU B 27 -17.88 13.69 -4.75
CA LEU B 27 -18.35 12.79 -5.79
C LEU B 27 -17.21 12.24 -6.65
N ILE B 28 -17.17 10.92 -6.85
CA ILE B 28 -16.18 10.32 -7.75
C ILE B 28 -16.62 10.47 -9.19
N ASN B 29 -15.69 10.31 -10.13
CA ASN B 29 -16.04 10.34 -11.55
C ASN B 29 -16.68 9.01 -11.96
N ALA B 30 -17.77 9.10 -12.69
CA ALA B 30 -18.47 7.91 -13.19
C ALA B 30 -17.52 7.01 -13.96
N ALA B 31 -16.70 7.62 -14.81
CA ALA B 31 -15.78 6.85 -15.64
C ALA B 31 -14.68 6.13 -14.84
N ASP B 32 -14.52 6.44 -13.55
CA ASP B 32 -13.54 5.74 -12.74
C ASP B 32 -14.07 4.43 -12.13
N LEU B 33 -15.37 4.14 -12.32
CA LEU B 33 -15.99 2.92 -11.81
C LEU B 33 -16.19 1.93 -12.95
N THR B 34 -15.81 0.68 -12.73
CA THR B 34 -16.06 -0.36 -13.70
C THR B 34 -16.55 -1.63 -13.00
N LEU B 35 -17.11 -2.56 -13.77
CA LEU B 35 -17.65 -3.80 -13.21
C LEU B 35 -16.77 -4.99 -13.62
N GLY B 36 -16.42 -5.81 -12.63
CA GLY B 36 -15.73 -7.06 -12.89
C GLY B 36 -14.24 -6.91 -13.19
N PRO B 37 -13.50 -8.02 -13.18
CA PRO B 37 -12.08 -7.90 -13.53
C PRO B 37 -11.90 -7.50 -14.99
N ALA B 38 -12.93 -7.63 -15.81
CA ALA B 38 -12.85 -7.18 -17.19
C ALA B 38 -12.98 -5.66 -17.32
N ALA B 39 -13.31 -5.00 -16.22
CA ALA B 39 -13.50 -3.54 -16.22
C ALA B 39 -14.58 -3.09 -17.22
N CYS B 40 -15.75 -3.70 -17.19
CA CYS B 40 -16.85 -3.26 -18.05
C CYS B 40 -17.35 -1.86 -17.66
N LYS B 41 -17.68 -1.04 -18.64
CA LYS B 41 -18.11 0.32 -18.39
C LYS B 41 -19.57 0.41 -17.98
N HIS B 42 -19.97 1.53 -17.40
CA HIS B 42 -21.31 1.65 -16.89
C HIS B 42 -22.32 1.62 -18.03
N SER B 43 -23.53 1.17 -17.71
CA SER B 43 -24.58 1.08 -18.72
C SER B 43 -25.48 2.30 -18.69
N SER B 44 -25.56 2.99 -17.55
CA SER B 44 -26.30 4.25 -17.49
C SER B 44 -25.91 5.09 -16.28
N LEU B 45 -26.33 6.35 -16.26
CA LEU B 45 -26.06 7.30 -15.19
C LEU B 45 -27.36 7.96 -14.80
N ASN B 46 -27.49 8.32 -13.53
CA ASN B 46 -28.65 9.09 -13.10
C ASN B 46 -28.13 10.36 -12.42
N ALA B 47 -28.07 11.43 -13.21
CA ALA B 47 -27.41 12.66 -12.80
C ALA B 47 -28.08 13.24 -11.56
N ALA B 48 -29.42 13.18 -11.55
CA ALA B 48 -30.22 13.78 -10.49
C ALA B 48 -29.88 13.17 -9.14
N HIS B 49 -29.58 11.88 -9.13
CA HIS B 49 -29.29 11.17 -7.87
C HIS B 49 -27.81 10.86 -7.70
N ASN B 50 -27.01 11.35 -8.63
CA ASN B 50 -25.58 11.04 -8.67
C ASN B 50 -25.27 9.55 -8.54
N THR B 51 -26.01 8.70 -9.26
CA THR B 51 -25.68 7.27 -9.27
C THR B 51 -25.14 6.84 -10.62
N VAL B 52 -24.53 5.66 -10.62
CA VAL B 52 -23.97 5.05 -11.81
C VAL B 52 -24.46 3.60 -11.80
N THR B 53 -24.88 3.08 -12.94
CA THR B 53 -25.51 1.75 -12.98
C THR B 53 -24.77 0.84 -13.92
N PHE B 54 -24.55 -0.39 -13.48
CA PHE B 54 -23.92 -1.39 -14.30
C PHE B 54 -24.90 -2.58 -14.49
N ALA B 55 -24.99 -3.13 -15.70
CA ALA B 55 -25.92 -4.24 -15.98
C ALA B 55 -25.14 -5.24 -16.78
N ALA B 56 -25.13 -6.50 -16.36
CA ALA B 56 -24.37 -7.51 -17.09
C ALA B 56 -25.00 -8.87 -16.92
N GLY B 57 -24.86 -9.73 -17.92
CA GLY B 57 -25.30 -11.10 -17.80
C GLY B 57 -24.51 -11.73 -16.68
N LEU B 58 -25.07 -12.77 -16.08
CA LEU B 58 -24.46 -13.43 -14.93
C LEU B 58 -23.11 -14.05 -15.22
N HIS B 59 -22.84 -14.37 -16.48
CA HIS B 59 -21.56 -14.96 -16.87
C HIS B 59 -20.60 -13.94 -17.53
N GLU B 60 -21.02 -12.69 -17.69
CA GLU B 60 -20.21 -11.67 -18.33
C GLU B 60 -19.21 -10.95 -17.39
N CYS B 61 -18.24 -10.27 -18.00
CA CYS B 61 -17.38 -9.33 -17.30
C CYS B 61 -16.48 -10.00 -16.27
N GLY B 62 -16.21 -11.29 -16.46
CA GLY B 62 -15.22 -11.98 -15.65
C GLY B 62 -15.78 -12.44 -14.32
N SER B 63 -17.10 -12.55 -14.22
CA SER B 63 -17.71 -13.10 -13.01
C SER B 63 -17.29 -14.56 -12.81
N VAL B 64 -17.45 -15.05 -11.59
CA VAL B 64 -17.03 -16.39 -11.26
C VAL B 64 -18.19 -17.09 -10.56
N VAL B 65 -18.49 -18.31 -10.99
CA VAL B 65 -19.61 -19.03 -10.41
C VAL B 65 -19.10 -20.16 -9.56
N GLN B 66 -19.72 -20.31 -8.40
CA GLN B 66 -19.48 -21.46 -7.56
C GLN B 66 -20.79 -22.27 -7.49
N VAL B 67 -20.70 -23.56 -7.79
CA VAL B 67 -21.87 -24.46 -7.76
C VAL B 67 -21.84 -25.23 -6.45
N THR B 68 -22.74 -24.91 -5.53
CA THR B 68 -22.87 -25.69 -4.31
C THR B 68 -24.02 -26.71 -4.52
N PRO B 69 -24.23 -27.63 -3.57
CA PRO B 69 -25.28 -28.65 -3.75
C PRO B 69 -26.64 -28.05 -4.11
N ASP B 70 -27.00 -26.97 -3.42
CA ASP B 70 -28.33 -26.37 -3.49
C ASP B 70 -28.34 -24.93 -4.06
N THR B 71 -27.17 -24.35 -4.32
CA THR B 71 -27.08 -22.94 -4.70
C THR B 71 -26.07 -22.68 -5.82
N LEU B 72 -26.34 -21.67 -6.62
CA LEU B 72 -25.36 -21.13 -7.54
C LEU B 72 -25.00 -19.74 -7.03
N ILE B 73 -23.70 -19.47 -6.89
CA ILE B 73 -23.22 -18.19 -6.38
C ILE B 73 -22.36 -17.55 -7.45
N TYR B 74 -22.77 -16.37 -7.91
CA TYR B 74 -21.99 -15.59 -8.87
C TYR B 74 -21.31 -14.45 -8.10
N ARG B 75 -20.00 -14.32 -8.26
CA ARG B 75 -19.21 -13.31 -7.54
C ARG B 75 -18.52 -12.44 -8.55
N THR B 76 -18.60 -11.14 -8.34
CA THR B 76 -17.82 -10.22 -9.15
C THR B 76 -17.42 -9.02 -8.25
N LEU B 77 -17.18 -7.86 -8.85
CA LEU B 77 -16.80 -6.71 -8.03
C LEU B 77 -16.95 -5.41 -8.81
N ILE B 78 -16.99 -4.31 -8.07
CA ILE B 78 -17.00 -2.98 -8.63
C ILE B 78 -15.60 -2.42 -8.35
N ASN B 79 -14.90 -1.98 -9.39
CA ASN B 79 -13.57 -1.39 -9.28
CA ASN B 79 -13.60 -1.39 -9.21
C ASN B 79 -13.68 0.14 -9.26
N TYR B 80 -12.99 0.81 -8.34
CA TYR B 80 -12.88 2.27 -8.37
C TYR B 80 -11.40 2.57 -8.59
N ASP B 81 -11.07 3.13 -9.75
CA ASP B 81 -9.68 3.44 -10.08
CA ASP B 81 -9.69 3.43 -10.09
C ASP B 81 -9.60 4.91 -10.45
N PRO B 82 -9.24 5.74 -9.46
CA PRO B 82 -9.19 7.20 -9.65
C PRO B 82 -8.31 7.58 -10.82
N SER B 83 -8.78 8.60 -11.48
CA SER B 83 -8.03 9.25 -12.53
C SER B 83 -6.83 9.95 -11.87
N PRO B 84 -5.80 10.20 -12.65
CA PRO B 84 -4.54 10.78 -12.15
C PRO B 84 -4.71 12.11 -11.45
N ALA B 85 -3.98 12.32 -10.35
CA ALA B 85 -3.90 13.63 -9.72
C ALA B 85 -3.26 14.62 -10.70
N SER B 86 -3.44 15.91 -10.41
CA SER B 86 -2.80 17.00 -11.15
C SER B 86 -1.33 16.70 -11.50
N ASN B 87 -0.61 16.14 -10.54
CA ASN B 87 0.72 15.62 -10.79
C ASN B 87 0.70 14.12 -10.50
N PRO B 88 0.87 13.29 -11.54
CA PRO B 88 0.68 11.85 -11.37
C PRO B 88 1.64 11.13 -10.41
N VAL B 89 2.71 11.77 -9.94
CA VAL B 89 3.59 11.07 -9.02
C VAL B 89 2.93 10.95 -7.65
N ILE B 90 1.89 11.72 -7.40
CA ILE B 90 1.20 11.59 -6.14
C ILE B 90 -0.24 11.06 -6.32
N ILE B 91 -0.78 10.56 -5.21
CA ILE B 91 -2.14 10.07 -5.11
C ILE B 91 -2.81 10.83 -3.99
N ARG B 92 -3.95 11.44 -4.32
CA ARG B 92 -4.76 12.12 -3.32
C ARG B 92 -5.92 11.27 -2.84
N THR B 93 -6.37 10.35 -3.70
CA THR B 93 -7.53 9.48 -3.47
C THR B 93 -7.22 8.01 -3.74
N ASN B 94 -7.42 7.15 -2.74
CA ASN B 94 -7.13 5.74 -2.87
C ASN B 94 -8.12 5.02 -3.79
N PRO B 95 -7.65 3.95 -4.44
CA PRO B 95 -8.58 3.10 -5.18
C PRO B 95 -9.49 2.36 -4.23
N ALA B 96 -10.36 1.50 -4.77
CA ALA B 96 -11.22 0.69 -3.93
C ALA B 96 -11.81 -0.44 -4.76
N VAL B 97 -12.20 -1.51 -4.08
CA VAL B 97 -12.82 -2.67 -4.70
C VAL B 97 -13.98 -3.06 -3.81
N ILE B 98 -15.16 -3.23 -4.40
CA ILE B 98 -16.33 -3.58 -3.62
C ILE B 98 -16.84 -4.95 -4.13
N PRO B 99 -16.78 -5.99 -3.29
CA PRO B 99 -17.24 -7.31 -3.76
C PRO B 99 -18.75 -7.35 -3.94
N ILE B 100 -19.19 -8.05 -5.01
CA ILE B 100 -20.61 -8.17 -5.39
C ILE B 100 -20.93 -9.66 -5.48
N GLU B 101 -22.07 -10.08 -4.94
CA GLU B 101 -22.42 -11.50 -4.92
C GLU B 101 -23.93 -11.71 -5.21
N CYS B 102 -24.25 -12.75 -5.98
CA CYS B 102 -25.65 -13.11 -6.27
C CYS B 102 -25.85 -14.59 -6.07
N HIS B 103 -26.87 -14.95 -5.29
CA HIS B 103 -27.17 -16.35 -4.94
C HIS B 103 -28.47 -16.78 -5.63
N TYR B 104 -28.48 -17.99 -6.18
CA TYR B 104 -29.67 -18.54 -6.81
C TYR B 104 -29.88 -20.00 -6.42
N PRO B 105 -31.13 -20.40 -6.15
CA PRO B 105 -31.42 -21.82 -5.94
C PRO B 105 -31.10 -22.60 -7.21
N ARG B 106 -30.53 -23.80 -7.10
CA ARG B 106 -30.22 -24.61 -8.28
C ARG B 106 -31.50 -25.19 -8.82
N ARG B 107 -31.54 -25.44 -10.13
CA ARG B 107 -32.72 -26.03 -10.74
C ARG B 107 -32.41 -27.43 -11.25
N LEU B 132 -20.04 -35.85 -13.60
CA LEU B 132 -19.13 -35.25 -12.60
C LEU B 132 -19.18 -33.73 -12.51
N VAL B 133 -19.31 -33.22 -11.29
CA VAL B 133 -19.19 -31.78 -11.03
C VAL B 133 -17.98 -31.51 -10.11
N PHE B 134 -17.00 -30.78 -10.65
CA PHE B 134 -15.80 -30.43 -9.89
C PHE B 134 -16.00 -29.11 -9.17
N SER B 135 -15.27 -28.90 -8.08
CA SER B 135 -15.41 -27.67 -7.31
C SER B 135 -14.18 -27.38 -6.47
N LEU B 136 -13.91 -26.09 -6.28
CA LEU B 136 -12.87 -25.61 -5.41
C LEU B 136 -13.51 -24.76 -4.34
N ARG B 137 -13.14 -24.98 -3.07
CA ARG B 137 -13.67 -24.20 -1.97
C ARG B 137 -12.55 -23.64 -1.11
N LEU B 138 -12.77 -22.44 -0.61
CA LEU B 138 -11.84 -21.74 0.24
C LEU B 138 -12.27 -22.02 1.68
N MET B 139 -11.44 -22.74 2.41
CA MET B 139 -11.78 -23.22 3.75
C MET B 139 -11.11 -22.42 4.87
N SER B 140 -11.69 -22.47 6.06
CA SER B 140 -11.06 -21.91 7.25
C SER B 140 -9.85 -22.77 7.59
N ASP B 141 -8.95 -22.26 8.43
CA ASP B 141 -7.68 -22.94 8.63
C ASP B 141 -7.79 -24.27 9.34
N ASP B 142 -8.87 -24.47 10.10
CA ASP B 142 -9.14 -25.75 10.74
C ASP B 142 -9.91 -26.72 9.78
N TRP B 143 -10.18 -26.27 8.57
CA TRP B 143 -10.90 -27.04 7.53
C TRP B 143 -12.32 -27.44 7.92
N SER B 144 -12.88 -26.82 8.95
CA SER B 144 -14.22 -27.19 9.40
C SER B 144 -15.32 -26.61 8.51
N THR B 145 -15.12 -25.37 8.08
CA THR B 145 -16.13 -24.64 7.32
C THR B 145 -15.52 -23.87 6.17
N GLU B 146 -16.38 -23.35 5.32
CA GLU B 146 -15.98 -22.49 4.22
C GLU B 146 -15.84 -21.06 4.77
N ARG B 147 -14.91 -20.26 4.24
CA ARG B 147 -14.68 -18.90 4.76
C ARG B 147 -14.88 -17.81 3.70
N PRO B 148 -15.04 -16.55 4.14
CA PRO B 148 -15.16 -15.42 3.20
C PRO B 148 -13.95 -15.23 2.28
N PHE B 149 -14.18 -14.67 1.11
CA PHE B 149 -13.11 -14.40 0.16
C PHE B 149 -12.40 -13.06 0.47
N THR B 150 -12.84 -12.37 1.52
CA THR B 150 -12.28 -11.08 1.84
C THR B 150 -11.48 -11.17 3.12
N GLY B 151 -10.70 -10.13 3.38
CA GLY B 151 -9.96 -10.03 4.62
C GLY B 151 -8.68 -10.84 4.66
N PHE B 152 -8.07 -11.09 3.50
CA PHE B 152 -6.74 -11.69 3.50
C PHE B 152 -5.67 -10.60 3.58
N GLN B 153 -4.60 -10.89 4.30
CA GLN B 153 -3.44 -10.02 4.27
C GLN B 153 -2.22 -10.87 3.99
N LEU B 154 -1.19 -10.27 3.41
CA LEU B 154 0.05 -10.97 3.23
C LEU B 154 0.46 -11.56 4.58
N GLY B 155 0.97 -12.79 4.59
CA GLY B 155 1.21 -13.50 5.83
C GLY B 155 0.12 -14.56 6.08
N ASP B 156 -1.03 -14.41 5.45
CA ASP B 156 -2.12 -15.36 5.65
C ASP B 156 -1.93 -16.59 4.75
N ILE B 157 -2.73 -17.61 4.98
CA ILE B 157 -2.66 -18.83 4.18
C ILE B 157 -4.01 -19.12 3.56
N LEU B 158 -4.03 -19.41 2.26
CA LEU B 158 -5.22 -19.93 1.60
C LEU B 158 -5.29 -21.43 1.78
N ASN B 159 -6.39 -21.90 2.37
CA ASN B 159 -6.67 -23.32 2.45
C ASN B 159 -7.69 -23.69 1.37
N ILE B 160 -7.25 -24.40 0.35
CA ILE B 160 -8.11 -24.74 -0.77
C ILE B 160 -8.43 -26.21 -0.77
N GLN B 161 -9.71 -26.52 -0.94
CA GLN B 161 -10.19 -27.87 -0.96
C GLN B 161 -10.79 -28.15 -2.34
N ALA B 162 -10.17 -29.06 -3.08
CA ALA B 162 -10.70 -29.51 -4.36
C ALA B 162 -11.53 -30.76 -4.12
N GLU B 163 -12.66 -30.87 -4.81
CA GLU B 163 -13.45 -32.08 -4.70
C GLU B 163 -14.27 -32.36 -5.96
N VAL B 164 -14.81 -33.58 -6.03
CA VAL B 164 -15.61 -33.99 -7.17
C VAL B 164 -16.84 -34.75 -6.67
N SER B 165 -18.01 -34.35 -7.18
CA SER B 165 -19.29 -34.87 -6.71
C SER B 165 -19.33 -36.39 -6.60
N THR B 166 -19.92 -36.87 -5.51
CA THR B 166 -20.08 -38.30 -5.25
C THR B 166 -21.21 -38.91 -6.09
N GLU B 167 -21.06 -38.83 -7.40
CA GLU B 167 -22.03 -39.46 -8.29
C GLU B 167 -22.01 -40.96 -8.01
N ASN B 168 -23.04 -41.66 -8.45
CA ASN B 168 -23.13 -43.11 -8.26
C ASN B 168 -21.83 -43.83 -8.63
N HIS B 169 -21.18 -43.33 -9.68
CA HIS B 169 -20.18 -44.06 -10.42
C HIS B 169 -19.06 -44.44 -9.47
N VAL B 170 -18.15 -45.24 -9.99
CA VAL B 170 -17.15 -45.95 -9.19
C VAL B 170 -16.31 -45.02 -8.31
N PRO B 171 -15.58 -45.60 -7.35
CA PRO B 171 -14.78 -44.75 -6.45
C PRO B 171 -13.64 -44.11 -7.24
N LEU B 172 -13.41 -42.81 -7.01
CA LEU B 172 -12.42 -42.07 -7.79
C LEU B 172 -11.36 -41.47 -6.90
N ARG B 173 -10.23 -41.16 -7.52
CA ARG B 173 -9.21 -40.35 -6.87
C ARG B 173 -9.08 -39.04 -7.65
N LEU B 174 -8.98 -37.93 -6.92
CA LEU B 174 -8.96 -36.59 -7.52
C LEU B 174 -7.56 -36.00 -7.51
N PHE B 175 -7.13 -35.45 -8.64
CA PHE B 175 -5.84 -34.76 -8.69
C PHE B 175 -6.03 -33.33 -9.20
N VAL B 176 -5.04 -32.48 -8.92
CA VAL B 176 -5.02 -31.12 -9.44
C VAL B 176 -3.77 -31.03 -10.33
N ASP B 177 -3.98 -31.00 -11.64
CA ASP B 177 -2.86 -30.95 -12.57
C ASP B 177 -2.11 -29.64 -12.54
N SER B 178 -2.86 -28.55 -12.37
CA SER B 178 -2.25 -27.22 -12.35
C SER B 178 -3.21 -26.22 -11.71
N CYS B 179 -2.63 -25.19 -11.09
CA CYS B 179 -3.36 -24.04 -10.61
C CYS B 179 -2.55 -22.84 -11.02
N VAL B 180 -3.21 -21.82 -11.54
CA VAL B 180 -2.54 -20.62 -11.96
C VAL B 180 -3.28 -19.42 -11.38
N ALA B 181 -2.55 -18.52 -10.73
CA ALA B 181 -3.13 -17.29 -10.21
C ALA B 181 -2.99 -16.20 -11.27
N ALA B 182 -3.95 -15.28 -11.30
CA ALA B 182 -3.93 -14.18 -12.25
C ALA B 182 -4.83 -13.07 -11.75
N LEU B 183 -4.95 -12.00 -12.53
CA LEU B 183 -5.78 -10.86 -12.14
C LEU B 183 -7.21 -11.00 -12.65
N SER B 184 -7.48 -12.05 -13.43
CA SER B 184 -8.84 -12.35 -13.88
C SER B 184 -8.99 -13.86 -14.10
N PRO B 185 -10.23 -14.34 -14.26
CA PRO B 185 -10.50 -15.78 -14.49
C PRO B 185 -9.73 -16.43 -15.64
N ASP B 186 -9.21 -15.62 -16.57
CA ASP B 186 -8.30 -16.15 -17.60
C ASP B 186 -6.86 -16.24 -17.05
N GLY B 187 -6.42 -17.46 -16.77
CA GLY B 187 -5.07 -17.69 -16.26
C GLY B 187 -3.98 -17.51 -17.31
N ASP B 188 -4.37 -17.32 -18.56
CA ASP B 188 -3.42 -17.06 -19.64
C ASP B 188 -3.02 -15.58 -19.74
N SER B 189 -3.73 -14.73 -19.01
CA SER B 189 -3.45 -13.30 -19.05
C SER B 189 -2.20 -12.97 -18.24
N SER B 190 -1.61 -11.81 -18.52
CA SER B 190 -0.45 -11.34 -17.78
C SER B 190 -0.89 -10.22 -16.85
N PRO B 191 -0.44 -10.27 -15.58
CA PRO B 191 0.50 -11.27 -15.06
C PRO B 191 -0.21 -12.53 -14.57
N HIS B 192 0.54 -13.60 -14.44
CA HIS B 192 0.01 -14.85 -13.88
C HIS B 192 1.13 -15.57 -13.16
N TYR B 193 0.79 -16.54 -12.34
CA TYR B 193 1.78 -17.24 -11.54
C TYR B 193 1.32 -18.68 -11.28
N ALA B 194 2.12 -19.66 -11.71
CA ALA B 194 1.73 -21.05 -11.56
C ALA B 194 2.03 -21.50 -10.13
N ILE B 195 0.98 -21.93 -9.44
CA ILE B 195 1.11 -22.42 -8.08
C ILE B 195 1.34 -23.92 -8.10
N ILE B 196 0.63 -24.60 -9.00
CA ILE B 196 0.78 -26.04 -9.24
C ILE B 196 1.03 -26.25 -10.72
N ASP B 197 2.02 -27.07 -11.03
CA ASP B 197 2.49 -27.20 -12.40
C ASP B 197 2.96 -28.63 -12.65
N PHE B 198 3.19 -28.97 -13.92
CA PHE B 198 3.76 -30.27 -14.26
C PHE B 198 2.94 -31.42 -13.69
N ASN B 199 1.64 -31.39 -13.92
CA ASN B 199 0.77 -32.47 -13.49
C ASN B 199 0.85 -32.77 -11.99
N GLY B 200 0.56 -31.77 -11.16
CA GLY B 200 0.41 -32.01 -9.74
C GLY B 200 1.59 -31.68 -8.84
N CYS B 201 2.61 -31.00 -9.38
CA CYS B 201 3.75 -30.55 -8.57
C CYS B 201 3.46 -29.18 -7.94
N LEU B 202 3.36 -29.10 -6.62
CA LEU B 202 3.08 -27.82 -5.97
C LEU B 202 4.36 -26.97 -5.94
N VAL B 203 4.65 -26.35 -7.07
CA VAL B 203 5.93 -25.65 -7.28
C VAL B 203 6.06 -24.44 -6.38
N ASP B 204 4.95 -23.89 -5.91
CA ASP B 204 5.04 -22.74 -5.03
C ASP B 204 5.79 -23.07 -3.72
N GLY B 205 5.76 -24.34 -3.33
CA GLY B 205 6.43 -24.80 -2.12
C GLY B 205 7.93 -25.00 -2.28
N ARG B 206 8.40 -24.97 -3.53
CA ARG B 206 9.80 -25.26 -3.81
C ARG B 206 10.74 -24.09 -3.49
N VAL B 207 10.20 -22.88 -3.46
CA VAL B 207 11.07 -21.70 -3.47
C VAL B 207 10.82 -20.73 -2.30
N ASP B 208 11.74 -19.80 -2.13
CA ASP B 208 11.59 -18.74 -1.13
C ASP B 208 11.29 -19.37 0.23
N ASP B 209 10.43 -18.76 1.04
CA ASP B 209 10.22 -19.33 2.36
C ASP B 209 8.79 -19.78 2.59
N THR B 210 8.11 -20.19 1.52
CA THR B 210 6.70 -20.59 1.62
C THR B 210 6.57 -21.92 2.35
N SER B 211 5.37 -22.16 2.87
CA SER B 211 5.03 -23.43 3.49
C SER B 211 3.95 -24.15 2.66
N SER B 212 3.77 -23.72 1.41
CA SER B 212 2.70 -24.26 0.56
C SER B 212 2.88 -25.77 0.34
N ALA B 213 1.81 -26.52 0.51
CA ALA B 213 1.88 -27.98 0.39
C ALA B 213 0.49 -28.59 0.30
N PHE B 214 0.41 -29.77 -0.31
CA PHE B 214 -0.78 -30.60 -0.21
C PHE B 214 -0.89 -31.10 1.21
N ILE B 215 -2.11 -31.27 1.70
CA ILE B 215 -2.32 -31.86 3.01
C ILE B 215 -2.39 -33.39 2.92
N THR B 216 -1.78 -34.07 3.90
CA THR B 216 -1.88 -35.52 4.00
C THR B 216 -2.34 -35.87 5.41
N PRO B 217 -3.20 -36.88 5.55
CA PRO B 217 -3.84 -37.68 4.49
C PRO B 217 -5.06 -36.96 3.92
N ARG B 218 -5.57 -37.43 2.79
CA ARG B 218 -6.83 -36.94 2.24
C ARG B 218 -7.95 -37.32 3.18
N PRO B 219 -9.00 -36.50 3.24
CA PRO B 219 -10.25 -36.89 3.92
C PRO B 219 -10.91 -38.08 3.22
N ARG B 220 -10.86 -38.06 1.88
CA ARG B 220 -11.43 -39.09 1.03
C ARG B 220 -10.59 -39.09 -0.24
N GLU B 221 -10.59 -40.17 -1.00
CA GLU B 221 -9.78 -40.22 -2.20
C GLU B 221 -10.25 -39.21 -3.26
N ASP B 222 -11.50 -38.77 -3.16
CA ASP B 222 -12.07 -37.85 -4.13
C ASP B 222 -12.07 -36.41 -3.62
N VAL B 223 -11.22 -36.15 -2.63
CA VAL B 223 -10.98 -34.81 -2.11
C VAL B 223 -9.49 -34.59 -2.00
N LEU B 224 -9.04 -33.40 -2.34
CA LEU B 224 -7.63 -33.07 -2.27
C LEU B 224 -7.52 -31.68 -1.69
N ARG B 225 -6.78 -31.56 -0.59
CA ARG B 225 -6.61 -30.27 0.11
C ARG B 225 -5.20 -29.78 -0.07
N PHE B 226 -5.02 -28.45 -0.12
CA PHE B 226 -3.70 -27.88 -0.15
C PHE B 226 -3.69 -26.44 0.37
N ARG B 227 -2.53 -26.02 0.88
CA ARG B 227 -2.43 -24.68 1.43
C ARG B 227 -1.37 -23.89 0.70
N ILE B 228 -1.69 -22.63 0.43
CA ILE B 228 -0.85 -21.70 -0.32
C ILE B 228 -0.64 -20.44 0.51
N ASP B 229 0.61 -20.03 0.70
CA ASP B 229 0.88 -18.72 1.31
C ASP B 229 0.28 -17.63 0.42
N VAL B 230 -0.50 -16.74 1.00
CA VAL B 230 -1.06 -15.62 0.22
C VAL B 230 0.02 -14.76 -0.43
N PHE B 231 -0.26 -14.23 -1.60
CA PHE B 231 0.66 -13.33 -2.29
C PHE B 231 -0.20 -12.38 -3.09
N ARG B 232 0.42 -11.37 -3.67
CA ARG B 232 -0.31 -10.49 -4.58
C ARG B 232 0.60 -10.17 -5.73
N PHE B 233 0.03 -9.60 -6.79
CA PHE B 233 0.77 -9.30 -7.99
C PHE B 233 1.39 -7.90 -7.93
N ALA B 234 2.68 -7.81 -8.25
CA ALA B 234 3.37 -6.52 -8.29
C ALA B 234 2.65 -5.61 -9.26
N GLY B 235 2.55 -4.33 -8.90
CA GLY B 235 1.93 -3.34 -9.77
C GLY B 235 0.40 -3.37 -9.83
N ASP B 236 -0.23 -4.32 -9.16
CA ASP B 236 -1.70 -4.33 -9.16
C ASP B 236 -2.32 -3.60 -7.96
N ASN B 237 -2.96 -2.47 -8.23
CA ASN B 237 -3.52 -1.67 -7.14
C ASN B 237 -4.91 -2.13 -6.67
N ARG B 238 -5.45 -3.18 -7.27
CA ARG B 238 -6.76 -3.67 -6.85
C ARG B 238 -6.58 -4.67 -5.71
N ASN B 239 -5.38 -5.24 -5.60
CA ASN B 239 -5.05 -6.21 -4.55
C ASN B 239 -6.03 -7.38 -4.48
N LEU B 240 -6.13 -8.15 -5.57
CA LEU B 240 -6.97 -9.32 -5.59
C LEU B 240 -6.32 -10.38 -6.49
N ILE B 241 -6.72 -11.63 -6.33
CA ILE B 241 -6.29 -12.66 -7.26
C ILE B 241 -7.45 -13.58 -7.59
N TYR B 242 -7.35 -14.19 -8.75
CA TYR B 242 -8.19 -15.33 -9.14
C TYR B 242 -7.29 -16.53 -9.29
N ILE B 243 -7.78 -17.70 -8.90
CA ILE B 243 -7.01 -18.92 -9.07
C ILE B 243 -7.83 -19.88 -9.94
N THR B 244 -7.25 -20.33 -11.04
CA THR B 244 -7.94 -21.28 -11.90
C THR B 244 -7.14 -22.58 -11.92
N CYS B 245 -7.83 -23.70 -11.66
CA CYS B 245 -7.17 -25.00 -11.51
C CYS B 245 -7.73 -26.00 -12.52
N HIS B 246 -6.88 -26.91 -12.98
CA HIS B 246 -7.31 -28.01 -13.83
C HIS B 246 -7.40 -29.25 -12.97
N LEU B 247 -8.62 -29.70 -12.69
CA LEU B 247 -8.83 -30.89 -11.88
C LEU B 247 -9.12 -32.09 -12.79
N LYS B 248 -8.71 -33.28 -12.36
CA LYS B 248 -9.02 -34.50 -13.13
C LYS B 248 -9.14 -35.69 -12.19
N VAL B 249 -9.80 -36.76 -12.65
CA VAL B 249 -9.90 -37.96 -11.85
C VAL B 249 -9.36 -39.18 -12.54
N THR B 250 -8.92 -40.14 -11.73
CA THR B 250 -8.66 -41.49 -12.20
C THR B 250 -9.49 -42.45 -11.35
N PRO B 251 -9.60 -43.72 -11.79
CA PRO B 251 -10.19 -44.73 -10.91
C PRO B 251 -9.46 -44.76 -9.56
N ALA B 252 -10.20 -44.95 -8.47
CA ALA B 252 -9.67 -44.75 -7.13
C ALA B 252 -8.43 -45.60 -6.85
N ASP B 253 -8.51 -46.84 -7.27
CA ASP B 253 -7.53 -47.88 -7.00
C ASP B 253 -6.20 -47.74 -7.73
N GLN B 254 -6.19 -46.95 -8.79
CA GLN B 254 -5.06 -46.98 -9.73
C GLN B 254 -3.83 -46.33 -9.11
N GLY B 255 -2.65 -46.85 -9.46
CA GLY B 255 -1.41 -46.35 -8.89
C GLY B 255 -1.10 -44.97 -9.43
N PRO B 256 -0.66 -44.05 -8.54
CA PRO B 256 -0.15 -42.77 -8.99
C PRO B 256 1.05 -42.97 -9.92
N ASP B 257 1.24 -42.08 -10.88
CA ASP B 257 2.45 -42.11 -11.73
C ASP B 257 2.83 -40.67 -12.05
N PRO B 258 3.94 -40.46 -12.79
CA PRO B 258 4.44 -39.11 -13.04
C PRO B 258 3.44 -38.17 -13.74
N GLN B 259 2.35 -38.74 -14.26
CA GLN B 259 1.34 -37.99 -14.98
C GLN B 259 0.15 -37.67 -14.07
N ASN B 260 -0.04 -38.52 -13.06
CA ASN B 260 -1.17 -38.42 -12.13
C ASN B 260 -0.68 -38.54 -10.69
N LYS B 261 -0.53 -37.41 -10.01
CA LYS B 261 0.07 -37.38 -8.68
C LYS B 261 -0.18 -36.02 -7.99
N ALA B 262 0.09 -35.95 -6.69
CA ALA B 262 0.05 -34.71 -5.94
C ALA B 262 1.29 -34.66 -5.07
N CYS B 263 2.25 -33.83 -5.46
CA CYS B 263 3.56 -33.79 -4.80
C CYS B 263 3.82 -32.43 -4.18
N SER B 264 4.44 -32.44 -3.01
CA SER B 264 4.82 -31.22 -2.32
C SER B 264 6.32 -31.22 -2.12
N PHE B 265 6.91 -30.04 -2.06
CA PHE B 265 8.31 -29.95 -1.73
C PHE B 265 8.46 -29.58 -0.26
N ASN B 266 9.43 -30.22 0.38
CA ASN B 266 9.77 -29.96 1.76
C ASN B 266 11.22 -29.48 1.80
N LYS B 267 11.42 -28.21 2.12
CA LYS B 267 12.77 -27.63 2.06
C LYS B 267 13.69 -28.29 3.09
N ALA B 268 13.19 -28.47 4.31
CA ALA B 268 13.97 -29.06 5.40
C ALA B 268 14.69 -30.33 4.94
N ARG B 269 13.93 -31.24 4.36
CA ARG B 269 14.48 -32.51 3.91
C ARG B 269 14.98 -32.42 2.48
N ASN B 270 14.64 -31.32 1.81
CA ASN B 270 15.08 -31.09 0.44
C ASN B 270 14.57 -32.18 -0.49
N THR B 271 13.28 -32.52 -0.38
CA THR B 271 12.73 -33.60 -1.20
C THR B 271 11.28 -33.36 -1.60
N TRP B 272 10.89 -33.94 -2.73
CA TRP B 272 9.48 -33.95 -3.11
C TRP B 272 8.81 -35.14 -2.45
N VAL B 273 7.54 -34.97 -2.10
CA VAL B 273 6.83 -35.99 -1.33
C VAL B 273 5.42 -36.12 -1.88
N PRO B 274 5.06 -37.31 -2.35
CA PRO B 274 3.68 -37.53 -2.84
C PRO B 274 2.68 -37.67 -1.71
N VAL B 275 1.45 -37.24 -1.94
CA VAL B 275 0.37 -37.55 -1.01
C VAL B 275 0.17 -39.08 -0.91
N GLU B 276 0.27 -39.77 -2.03
CA GLU B 276 0.31 -41.24 -2.04
C GLU B 276 1.18 -41.74 -3.19
N GLY B 277 1.67 -42.96 -3.09
CA GLY B 277 2.46 -43.53 -4.17
C GLY B 277 3.94 -43.56 -3.85
N SER B 278 4.72 -44.15 -4.75
CA SER B 278 6.14 -44.33 -4.52
C SER B 278 6.86 -42.99 -4.57
N ARG B 279 7.90 -42.86 -3.76
CA ARG B 279 8.61 -41.60 -3.61
C ARG B 279 9.09 -41.06 -4.95
N ASP B 280 9.49 -41.98 -5.83
CA ASP B 280 10.16 -41.61 -7.08
C ASP B 280 9.20 -41.08 -8.16
N VAL B 281 7.91 -41.16 -7.91
CA VAL B 281 6.92 -40.63 -8.84
C VAL B 281 7.06 -39.11 -8.96
N CYS B 282 7.68 -38.48 -7.96
CA CYS B 282 7.85 -37.01 -7.94
C CYS B 282 9.14 -36.52 -8.58
N ASN B 283 10.01 -37.45 -8.98
CA ASN B 283 11.30 -37.11 -9.56
C ASN B 283 11.21 -36.04 -10.65
N CYS B 284 10.22 -36.17 -11.52
CA CYS B 284 10.05 -35.28 -12.66
C CYS B 284 9.77 -33.83 -12.22
N CYS B 285 9.25 -33.67 -11.01
CA CYS B 285 8.96 -32.34 -10.45
C CYS B 285 10.18 -31.44 -10.46
N GLU B 286 11.34 -31.96 -10.07
CA GLU B 286 12.55 -31.18 -9.96
C GLU B 286 13.08 -30.78 -11.34
N THR B 287 12.89 -31.66 -12.31
CA THR B 287 13.40 -31.45 -13.66
C THR B 287 12.52 -30.46 -14.43
N GLY B 288 11.25 -30.36 -14.04
CA GLY B 288 10.32 -29.41 -14.65
C GLY B 288 9.62 -29.94 -15.89
N ASN B 289 9.55 -31.26 -16.03
CA ASN B 289 8.78 -31.87 -17.11
C ASN B 289 8.28 -33.27 -16.75
N CYS B 290 6.96 -33.41 -16.64
CA CYS B 290 6.36 -34.69 -16.32
C CYS B 290 5.50 -35.26 -17.46
N GLU B 291 5.58 -34.70 -18.67
CA GLU B 291 4.89 -35.31 -19.81
C GLU B 291 5.59 -36.60 -20.23
N PRO B 292 4.82 -37.61 -20.66
CA PRO B 292 5.46 -38.85 -21.11
C PRO B 292 5.65 -38.89 -22.61
N PRO B 293 6.91 -38.86 -23.08
CA PRO B 293 7.18 -39.07 -24.50
C PRO B 293 7.65 -40.48 -24.80
N GLU C 9 20.23 37.82 1.47
CA GLU C 9 19.44 36.60 1.51
C GLU C 9 19.79 35.74 2.73
N VAL C 10 19.11 35.98 3.85
CA VAL C 10 19.29 35.12 5.02
C VAL C 10 18.21 34.04 5.06
N ALA C 11 18.64 32.79 5.00
CA ALA C 11 17.72 31.69 4.77
C ALA C 11 18.30 30.39 5.29
N ALA C 12 17.51 29.32 5.23
CA ALA C 12 17.95 27.99 5.61
C ALA C 12 17.00 26.95 5.02
N ASP C 13 17.52 25.74 4.80
CA ASP C 13 16.67 24.60 4.44
C ASP C 13 16.37 23.81 5.70
N VAL C 14 15.09 23.52 5.93
CA VAL C 14 14.69 22.75 7.09
C VAL C 14 13.88 21.53 6.61
N VAL C 15 14.24 20.35 7.12
CA VAL C 15 13.52 19.12 6.79
C VAL C 15 12.62 18.70 7.93
N ILE C 16 11.41 18.27 7.59
CA ILE C 16 10.47 17.71 8.55
C ILE C 16 10.13 16.27 8.15
N GLY C 17 10.18 15.34 9.11
CA GLY C 17 9.80 13.96 8.87
C GLY C 17 10.64 13.02 9.70
N PRO C 18 10.52 11.70 9.48
CA PRO C 18 9.63 11.08 8.50
C PRO C 18 8.16 11.16 8.93
N VAL C 19 7.28 11.58 8.03
CA VAL C 19 5.86 11.52 8.31
C VAL C 19 5.38 10.14 7.82
N LEU C 20 4.85 9.32 8.73
CA LEU C 20 4.45 7.95 8.41
C LEU C 20 2.96 7.84 8.15
N LEU C 21 2.62 7.31 7.00
CA LEU C 21 1.23 7.13 6.61
C LEU C 21 0.80 5.70 6.87
N SER C 22 -0.49 5.45 6.76
CA SER C 22 -1.00 4.09 6.93
C SER C 22 -0.56 3.17 5.78
N ALA C 23 -0.49 1.87 6.05
CA ALA C 23 -0.11 0.91 5.01
C ALA C 23 -1.29 0.48 4.14
N ASP C 24 -2.47 1.04 4.39
CA ASP C 24 -3.70 0.60 3.71
C ASP C 24 -3.99 1.47 2.49
N HIS C 25 -3.58 1.02 1.31
CA HIS C 25 -3.78 1.82 0.10
C HIS C 25 -5.23 1.80 -0.41
N HIS C 26 -6.10 1.13 0.34
CA HIS C 26 -7.53 1.22 0.07
C HIS C 26 -8.27 1.95 1.15
N HIS C 27 -7.56 2.64 2.04
CA HIS C 27 -8.22 3.35 3.12
C HIS C 27 -9.14 4.44 2.64
N HIS C 28 -10.30 4.52 3.24
CA HIS C 28 -11.31 5.50 2.91
C HIS C 28 -12.10 5.84 4.16
N HIS C 29 -12.80 6.95 4.08
CA HIS C 29 -13.71 7.39 5.13
C HIS C 29 -14.82 6.36 5.38
N HIS C 30 -15.21 6.23 6.65
CA HIS C 30 -16.33 5.35 7.02
C HIS C 30 -17.43 5.39 5.97
N VAL D 10 -11.17 -37.50 -17.85
CA VAL D 10 -12.25 -36.56 -17.61
C VAL D 10 -11.89 -35.57 -16.51
N ALA D 11 -12.11 -34.30 -16.81
CA ALA D 11 -11.52 -33.23 -16.07
C ALA D 11 -12.31 -31.94 -16.30
N ALA D 12 -11.91 -30.88 -15.60
CA ALA D 12 -12.54 -29.58 -15.75
C ALA D 12 -11.62 -28.49 -15.18
N ASP D 13 -11.77 -27.28 -15.71
CA ASP D 13 -11.13 -26.11 -15.14
C ASP D 13 -12.12 -25.43 -14.21
N VAL D 14 -11.69 -25.14 -12.99
CA VAL D 14 -12.53 -24.47 -12.01
C VAL D 14 -11.80 -23.24 -11.48
N VAL D 15 -12.48 -22.10 -11.48
CA VAL D 15 -11.93 -20.83 -11.02
C VAL D 15 -12.49 -20.51 -9.65
N ILE D 16 -11.63 -19.99 -8.78
CA ILE D 16 -12.01 -19.54 -7.46
C ILE D 16 -11.58 -18.06 -7.31
N GLY D 17 -12.47 -17.21 -6.82
CA GLY D 17 -12.14 -15.81 -6.57
C GLY D 17 -13.33 -14.92 -6.81
N PRO D 18 -13.15 -13.60 -6.77
CA PRO D 18 -11.87 -12.95 -6.46
C PRO D 18 -11.51 -13.03 -4.98
N VAL D 19 -10.27 -13.39 -4.68
CA VAL D 19 -9.74 -13.36 -3.31
C VAL D 19 -9.21 -11.95 -3.08
N LEU D 20 -9.78 -11.20 -2.15
CA LEU D 20 -9.36 -9.81 -1.93
C LEU D 20 -8.44 -9.70 -0.73
N LEU D 21 -7.28 -9.07 -0.94
CA LEU D 21 -6.34 -8.84 0.15
C LEU D 21 -6.65 -7.49 0.75
N SER D 22 -6.61 -7.45 2.07
CA SER D 22 -6.78 -6.25 2.89
C SER D 22 -5.45 -5.91 3.64
N ALA D 23 -5.30 -4.66 4.07
CA ALA D 23 -4.13 -4.31 4.89
C ALA D 23 -4.55 -3.60 6.16
#